data_6GUK
#
_entry.id   6GUK
#
_cell.length_a   53.291
_cell.length_b   71.938
_cell.length_c   72.391
_cell.angle_alpha   90.00
_cell.angle_beta   90.00
_cell.angle_gamma   90.00
#
_symmetry.space_group_name_H-M   'P 21 21 21'
#
loop_
_entity.id
_entity.type
_entity.pdbx_description
1 polymer 'Cyclin-dependent kinase 2'
2 non-polymer ~{N}2-[(1~{R},2~{S})-2-azanylcyclohexyl]-~{N}6-(3-chlorophenyl)-9-ethyl-purine-2,6-diamine
3 water water
#
_entity_poly.entity_id   1
_entity_poly.type   'polypeptide(L)'
_entity_poly.pdbx_seq_one_letter_code
;GPLGSPEFMENFQKVEKIGEGTYGVVYKARNKLTGEVVALKKIRLDTETEGVPSTAIREISLLKELNHPNIVKLLDVIHT
ENKLYLVFEFLHQDLKKFMDASALTGIPLPLIKSYLFQLLQGLAFCHSHRVLHRDLKPQNLLINTEGAIKLADFGLARAF
GVPVRTYTHEVVTLWYRAPEILLGCKYYSTAVDIWSLGCIFAEMVTRRALFPGDSEIDQLFRIFRTLGTPDEVVWPGVTS
MPDYKPSFPKWARQDFSKVVPPLDEDGRSLLSQMLHYDPNKRISAKAALAHPFFQDVTKPVPHLRL
;
_entity_poly.pdbx_strand_id   A
#
loop_
_chem_comp.id
_chem_comp.type
_chem_comp.name
_chem_comp.formula
FC8 non-polymer ~{N}2-[(1~{R},2~{S})-2-azanylcyclohexyl]-~{N}6-(3-chlorophenyl)-9-ethyl-purine-2,6-diamine 'C19 H24 Cl N7'
#
# COMPACT_ATOMS: atom_id res chain seq x y z
N MET A 9 24.86 17.19 4.40
CA MET A 9 23.91 17.41 5.57
C MET A 9 24.00 18.79 6.20
N GLU A 10 25.09 19.51 5.96
CA GLU A 10 25.16 20.92 6.28
C GLU A 10 24.39 21.74 5.25
N ASN A 11 23.89 21.07 4.17
CA ASN A 11 22.93 21.67 3.24
C ASN A 11 21.55 21.77 3.88
N PHE A 12 21.34 21.11 5.02
CA PHE A 12 20.08 21.27 5.72
C PHE A 12 20.26 21.95 7.08
N GLN A 13 19.13 22.23 7.72
CA GLN A 13 19.12 22.65 9.10
C GLN A 13 17.84 22.08 9.70
N LYS A 14 17.69 22.36 10.99
CA LYS A 14 16.69 21.80 11.89
C LYS A 14 16.32 20.37 11.50
N VAL A 15 17.35 19.60 11.14
CA VAL A 15 17.13 18.28 10.62
C VAL A 15 16.56 17.57 11.85
N GLU A 16 15.33 17.04 11.76
CA GLU A 16 14.60 16.40 12.88
C GLU A 16 13.99 15.01 12.49
N LYS A 17 14.15 14.04 13.37
CA LYS A 17 13.77 12.66 13.09
C LYS A 17 12.30 12.48 13.19
N ILE A 18 11.67 11.95 12.12
CA ILE A 18 10.25 11.59 12.14
C ILE A 18 10.14 10.21 12.66
N GLY A 19 10.85 9.26 12.06
CA GLY A 19 10.86 7.90 12.58
C GLY A 19 11.39 6.96 11.58
N GLU A 20 11.19 5.67 11.82
CA GLU A 20 11.60 4.60 10.92
C GLU A 20 10.63 4.39 9.77
N GLY A 21 11.21 4.47 8.58
CA GLY A 21 10.58 4.00 7.39
C GLY A 21 11.06 2.57 7.24
N THR A 22 10.61 1.97 6.16
CA THR A 22 11.01 0.64 5.71
C THR A 22 12.52 0.43 5.55
N TYR A 23 13.17 1.35 4.80
CA TYR A 23 14.60 1.23 4.43
C TYR A 23 15.55 2.07 5.21
N GLY A 24 15.00 2.86 6.11
CA GLY A 24 15.79 3.61 7.01
C GLY A 24 14.94 4.72 7.59
N VAL A 25 15.67 5.54 8.30
CA VAL A 25 15.16 6.63 9.11
C VAL A 25 14.78 7.79 8.17
N VAL A 26 13.57 8.35 8.45
CA VAL A 26 13.09 9.51 7.74
C VAL A 26 13.22 10.69 8.68
N TYR A 27 13.78 11.79 8.13
CA TYR A 27 13.92 13.05 8.81
C TYR A 27 13.10 14.14 8.06
N LYS A 28 12.67 15.12 8.81
CA LYS A 28 12.14 16.38 8.28
C LYS A 28 13.28 17.35 8.25
N ALA A 29 13.55 17.93 7.09
CA ALA A 29 14.69 18.80 6.93
C ALA A 29 14.39 20.04 6.16
N ARG A 30 15.16 21.12 6.42
CA ARG A 30 15.02 22.35 5.64
C ARG A 30 16.25 22.52 4.80
N ASN A 31 16.07 22.60 3.50
CA ASN A 31 17.13 22.82 2.55
C ASN A 31 17.75 24.23 2.72
N LYS A 32 19.08 24.30 2.50
CA LYS A 32 19.91 25.51 2.82
C LYS A 32 19.70 26.57 1.77
N LEU A 33 19.94 26.20 0.52
CA LEU A 33 19.82 27.12 -0.60
C LEU A 33 18.39 27.53 -0.94
N THR A 34 17.44 26.62 -0.74
CA THR A 34 16.05 26.95 -1.06
C THR A 34 15.10 27.36 0.08
N GLY A 35 15.34 26.98 1.33
CA GLY A 35 14.35 27.07 2.38
C GLY A 35 13.20 26.02 2.28
N GLU A 36 13.34 25.08 1.34
CA GLU A 36 12.29 24.05 1.20
C GLU A 36 12.36 23.10 2.38
N VAL A 37 11.20 22.69 2.86
CA VAL A 37 11.03 21.64 3.81
C VAL A 37 10.74 20.37 3.04
N VAL A 38 11.57 19.36 3.31
CA VAL A 38 11.59 18.08 2.62
C VAL A 38 11.69 16.94 3.61
N ALA A 39 11.40 15.71 3.09
CA ALA A 39 11.62 14.49 3.84
C ALA A 39 12.90 13.86 3.32
N LEU A 40 13.82 13.60 4.24
CA LEU A 40 15.11 13.00 3.92
C LEU A 40 15.15 11.59 4.48
N LYS A 41 15.32 10.62 3.59
CA LYS A 41 15.36 9.20 4.02
C LYS A 41 16.80 8.69 3.81
N LYS A 42 17.36 8.26 4.91
CA LYS A 42 18.72 7.65 4.93
C LYS A 42 18.60 6.13 4.87
N ILE A 43 19.00 5.54 3.76
CA ILE A 43 18.89 4.09 3.53
C ILE A 43 20.00 3.39 4.33
N ARG A 44 19.66 2.26 4.92
CA ARG A 44 20.68 1.50 5.66
C ARG A 44 21.80 1.00 4.72
N THR A 55 23.76 -1.25 -9.07
CA THR A 55 22.44 -1.51 -9.68
C THR A 55 21.25 -0.61 -9.13
N ALA A 56 21.21 -0.42 -7.84
CA ALA A 56 20.09 0.25 -7.23
C ALA A 56 20.12 1.75 -7.51
N ILE A 57 21.31 2.33 -7.63
CA ILE A 57 21.39 3.75 -7.90
C ILE A 57 20.70 4.15 -9.21
N ARG A 58 20.99 3.44 -10.32
CA ARG A 58 20.39 3.87 -11.62
C ARG A 58 18.87 3.70 -11.57
N GLU A 59 18.46 2.58 -11.00
CA GLU A 59 17.01 2.27 -11.03
C GLU A 59 16.20 3.14 -10.09
N ILE A 60 16.79 3.48 -8.95
CA ILE A 60 16.13 4.50 -8.06
C ILE A 60 16.17 5.86 -8.72
N SER A 61 17.29 6.16 -9.41
CA SER A 61 17.32 7.40 -10.12
C SER A 61 16.26 7.61 -11.18
N LEU A 62 15.88 6.52 -11.86
CA LEU A 62 14.83 6.56 -12.80
C LEU A 62 13.48 6.92 -12.22
N LEU A 63 13.29 6.63 -10.93
CA LEU A 63 12.07 7.01 -10.23
C LEU A 63 11.87 8.50 -10.02
N LYS A 64 12.95 9.29 -10.08
CA LYS A 64 12.81 10.75 -10.20
C LYS A 64 11.95 11.19 -11.37
N GLU A 65 11.83 10.39 -12.43
CA GLU A 65 10.89 10.72 -13.53
C GLU A 65 9.40 10.50 -13.31
N LEU A 66 9.01 9.68 -12.33
CA LEU A 66 7.58 9.50 -12.05
C LEU A 66 6.98 10.82 -11.58
N ASN A 67 5.88 11.25 -12.19
CA ASN A 67 5.24 12.49 -11.77
C ASN A 67 3.72 12.31 -11.75
N HIS A 68 3.13 12.17 -10.56
CA HIS A 68 1.73 11.99 -10.50
C HIS A 68 1.28 12.59 -9.20
N PRO A 69 0.09 13.17 -9.24
CA PRO A 69 -0.44 13.82 -8.06
C PRO A 69 -0.58 12.88 -6.85
N ASN A 70 -0.70 11.57 -7.10
CA ASN A 70 -0.89 10.61 -6.04
C ASN A 70 0.32 9.79 -5.76
N ILE A 71 1.50 10.21 -6.15
CA ILE A 71 2.77 9.60 -5.83
C ILE A 71 3.68 10.61 -5.18
N VAL A 72 4.23 10.31 -4.06
CA VAL A 72 5.19 11.16 -3.37
C VAL A 72 6.41 11.40 -4.26
N LYS A 73 6.65 12.68 -4.61
CA LYS A 73 7.73 12.98 -5.54
C LYS A 73 9.11 12.72 -4.90
N LEU A 74 9.90 12.02 -5.67
CA LEU A 74 11.31 11.77 -5.35
C LEU A 74 12.11 12.94 -6.05
N LEU A 75 12.65 13.77 -5.18
CA LEU A 75 13.35 15.04 -5.59
C LEU A 75 14.79 14.77 -5.97
N ASP A 76 15.48 13.97 -5.19
CA ASP A 76 16.96 13.76 -5.35
C ASP A 76 17.40 12.52 -4.77
N VAL A 77 18.45 11.96 -5.38
CA VAL A 77 19.13 10.82 -4.92
C VAL A 77 20.60 11.24 -4.65
N ILE A 78 21.04 10.96 -3.47
CA ILE A 78 22.43 11.36 -2.97
C ILE A 78 23.16 10.09 -2.50
N HIS A 79 24.31 9.80 -3.13
CA HIS A 79 25.18 8.66 -2.73
C HIS A 79 26.50 9.25 -2.22
N THR A 80 26.73 9.12 -0.93
CA THR A 80 27.91 9.66 -0.30
C THR A 80 28.38 8.80 0.88
N GLU A 81 29.70 8.56 0.92
CA GLU A 81 30.30 7.79 1.99
C GLU A 81 29.68 6.38 2.05
N ASN A 82 29.47 5.80 0.85
CA ASN A 82 28.69 4.59 0.63
C ASN A 82 27.30 4.53 1.28
N LYS A 83 26.65 5.68 1.48
CA LYS A 83 25.33 5.74 2.13
C LYS A 83 24.45 6.47 1.16
N LEU A 84 23.20 6.02 1.05
CA LEU A 84 22.22 6.53 0.13
C LEU A 84 21.18 7.39 0.83
N TYR A 85 20.93 8.57 0.30
CA TYR A 85 19.89 9.49 0.88
C TYR A 85 18.95 9.77 -0.21
N LEU A 86 17.63 9.67 0.11
CA LEU A 86 16.57 10.02 -0.81
C LEU A 86 15.85 11.20 -0.26
N VAL A 87 15.70 12.21 -1.14
CA VAL A 87 15.06 13.46 -0.78
C VAL A 87 13.72 13.43 -1.47
N PHE A 88 12.67 13.53 -0.61
CA PHE A 88 11.27 13.49 -1.09
C PHE A 88 10.52 14.74 -0.70
N GLU A 89 9.39 14.92 -1.37
CA GLU A 89 8.47 15.97 -1.01
C GLU A 89 7.94 15.53 0.37
N PHE A 90 7.71 16.49 1.25
CA PHE A 90 7.27 16.33 2.61
C PHE A 90 5.71 16.45 2.68
N LEU A 91 5.11 15.48 3.40
CA LEU A 91 3.68 15.57 3.82
C LEU A 91 3.59 15.43 5.28
N HIS A 92 2.52 15.95 5.88
CA HIS A 92 2.40 16.12 7.29
C HIS A 92 1.88 14.97 8.13
N GLN A 93 1.25 13.96 7.46
CA GLN A 93 0.70 12.86 8.23
C GLN A 93 0.63 11.64 7.33
N ASP A 94 0.68 10.44 7.97
CA ASP A 94 0.38 9.18 7.22
C ASP A 94 -1.03 8.71 7.57
N LEU A 95 -1.45 7.74 6.73
CA LEU A 95 -2.79 7.21 6.88
C LEU A 95 -2.93 6.39 8.19
N LYS A 96 -1.85 5.78 8.66
CA LYS A 96 -1.89 5.02 9.92
C LYS A 96 -2.29 5.97 11.07
N LYS A 97 -1.59 7.10 11.17
CA LYS A 97 -1.90 8.09 12.18
C LYS A 97 -3.35 8.58 12.04
N PHE A 98 -3.79 8.94 10.83
CA PHE A 98 -5.15 9.38 10.61
C PHE A 98 -6.23 8.36 10.94
N MET A 99 -5.96 7.11 10.62
CA MET A 99 -6.88 6.02 10.96
C MET A 99 -6.97 5.91 12.48
N ASP A 100 -5.82 5.94 13.16
CA ASP A 100 -5.79 5.87 14.67
C ASP A 100 -6.53 7.01 15.27
N ALA A 101 -6.37 8.21 14.77
CA ALA A 101 -7.08 9.41 15.26
C ALA A 101 -8.58 9.35 15.00
N SER A 102 -8.98 8.61 13.96
CA SER A 102 -10.36 8.53 13.53
C SER A 102 -11.04 7.26 14.06
N ALA A 103 -10.44 6.51 14.99
CA ALA A 103 -10.98 5.16 15.27
C ALA A 103 -12.31 5.19 16.11
N LEU A 104 -12.47 6.25 16.89
CA LEU A 104 -13.72 6.56 17.63
C LEU A 104 -14.94 6.64 16.75
N THR A 105 -14.80 7.45 15.71
CA THR A 105 -15.86 7.89 14.92
C THR A 105 -15.92 7.21 13.57
N GLY A 106 -14.76 6.77 13.10
CA GLY A 106 -14.68 6.24 11.76
C GLY A 106 -14.39 7.32 10.70
N ILE A 107 -13.60 7.01 9.71
CA ILE A 107 -13.45 7.87 8.55
C ILE A 107 -14.74 7.85 7.75
N PRO A 108 -15.32 9.02 7.42
CA PRO A 108 -16.55 8.97 6.67
C PRO A 108 -16.48 8.27 5.30
N LEU A 109 -17.48 7.55 4.88
CA LEU A 109 -17.42 6.82 3.62
C LEU A 109 -16.96 7.66 2.46
N PRO A 110 -17.45 8.94 2.30
CA PRO A 110 -17.01 9.65 1.14
C PRO A 110 -15.50 9.91 1.14
N LEU A 111 -14.91 10.04 2.29
CA LEU A 111 -13.47 10.24 2.39
C LEU A 111 -12.72 8.90 2.15
N ILE A 112 -13.25 7.80 2.68
CA ILE A 112 -12.66 6.46 2.36
C ILE A 112 -12.66 6.34 0.80
N LYS A 113 -13.78 6.63 0.15
CA LYS A 113 -13.96 6.48 -1.26
C LYS A 113 -12.97 7.30 -2.03
N SER A 114 -12.80 8.57 -1.63
CA SER A 114 -11.89 9.47 -2.25
C SER A 114 -10.47 8.97 -2.12
N TYR A 115 -10.09 8.54 -0.93
CA TYR A 115 -8.77 8.01 -0.67
C TYR A 115 -8.51 6.78 -1.51
N LEU A 116 -9.49 5.88 -1.58
CA LEU A 116 -9.30 4.66 -2.42
C LEU A 116 -9.15 5.00 -3.87
N PHE A 117 -10.01 5.91 -4.41
CA PHE A 117 -9.96 6.31 -5.77
C PHE A 117 -8.61 6.88 -6.12
N GLN A 118 -8.10 7.77 -5.24
CA GLN A 118 -6.83 8.39 -5.50
C GLN A 118 -5.70 7.37 -5.50
N LEU A 119 -5.74 6.44 -4.55
CA LEU A 119 -4.70 5.42 -4.46
C LEU A 119 -4.71 4.55 -5.71
N LEU A 120 -5.91 4.20 -6.17
CA LEU A 120 -6.01 3.47 -7.43
C LEU A 120 -5.43 4.22 -8.64
N GLN A 121 -5.67 5.54 -8.64
CA GLN A 121 -5.12 6.31 -9.75
C GLN A 121 -3.58 6.29 -9.66
N GLY A 122 -3.02 6.40 -8.46
CA GLY A 122 -1.58 6.30 -8.30
C GLY A 122 -1.09 4.94 -8.73
N LEU A 123 -1.75 3.87 -8.31
CA LEU A 123 -1.31 2.57 -8.73
C LEU A 123 -1.49 2.41 -10.23
N ALA A 124 -2.58 2.82 -10.86
CA ALA A 124 -2.76 2.74 -12.31
C ALA A 124 -1.60 3.37 -13.00
N PHE A 125 -1.16 4.52 -12.54
CA PHE A 125 -0.07 5.22 -13.18
C PHE A 125 1.21 4.44 -13.06
N CYS A 126 1.60 4.04 -11.88
CA CYS A 126 2.85 3.30 -11.65
C CYS A 126 2.82 1.99 -12.41
N HIS A 127 1.74 1.25 -12.34
CA HIS A 127 1.65 -0.03 -13.05
C HIS A 127 1.77 0.16 -14.53
N SER A 128 1.26 1.27 -15.09
CA SER A 128 1.26 1.52 -16.56
C SER A 128 2.73 1.78 -16.94
N HIS A 129 3.59 2.23 -16.06
CA HIS A 129 5.05 2.42 -16.27
C HIS A 129 5.90 1.29 -15.76
N ARG A 130 5.26 0.17 -15.48
CA ARG A 130 5.94 -1.01 -15.01
C ARG A 130 6.73 -0.88 -13.70
N VAL A 131 6.19 -0.11 -12.74
CA VAL A 131 6.78 0.14 -11.46
C VAL A 131 5.77 -0.50 -10.44
N LEU A 132 6.24 -1.42 -9.62
CA LEU A 132 5.46 -2.02 -8.55
C LEU A 132 5.86 -1.41 -7.26
N HIS A 133 4.95 -1.42 -6.28
CA HIS A 133 5.29 -1.07 -4.90
C HIS A 133 5.85 -2.21 -4.08
N ARG A 134 4.98 -3.22 -3.89
CA ARG A 134 5.36 -4.46 -3.21
C ARG A 134 5.25 -4.47 -1.69
N ASP A 135 5.10 -3.31 -1.08
CA ASP A 135 5.01 -3.24 0.30
C ASP A 135 4.08 -2.10 0.75
N LEU A 136 2.91 -2.05 0.14
CA LEU A 136 1.96 -0.99 0.59
C LEU A 136 1.41 -1.24 1.96
N LYS A 137 1.24 -0.20 2.78
CA LYS A 137 0.75 -0.29 4.14
C LYS A 137 0.30 1.12 4.55
N PRO A 138 -0.51 1.26 5.54
CA PRO A 138 -0.99 2.62 5.90
C PRO A 138 0.17 3.55 6.24
N GLN A 139 1.28 3.07 6.70
CA GLN A 139 2.40 3.95 7.08
C GLN A 139 3.08 4.46 5.87
N ASN A 140 2.92 3.97 4.66
CA ASN A 140 3.51 4.60 3.48
C ASN A 140 2.55 5.30 2.61
N LEU A 141 1.36 5.61 3.18
CA LEU A 141 0.36 6.39 2.46
C LEU A 141 0.28 7.74 3.20
N LEU A 142 0.58 8.80 2.48
CA LEU A 142 0.70 10.11 3.15
C LEU A 142 -0.39 11.02 2.67
N ILE A 143 -0.85 11.85 3.61
CA ILE A 143 -1.95 12.73 3.39
C ILE A 143 -1.61 14.22 3.71
N ASN A 144 -2.41 15.10 3.09
CA ASN A 144 -2.30 16.57 3.45
C ASN A 144 -3.64 17.14 3.73
N THR A 145 -3.65 18.41 4.10
CA THR A 145 -4.86 19.12 4.51
C THR A 145 -5.81 19.31 3.38
N GLU A 146 -5.43 19.19 2.14
CA GLU A 146 -6.36 19.41 1.07
C GLU A 146 -7.15 18.22 0.56
N GLY A 147 -6.97 17.09 1.25
CA GLY A 147 -7.71 15.91 0.84
C GLY A 147 -6.94 15.01 -0.05
N ALA A 148 -5.71 15.28 -0.39
CA ALA A 148 -4.89 14.38 -1.25
C ALA A 148 -4.33 13.27 -0.36
N ILE A 149 -4.13 12.11 -1.03
CA ILE A 149 -3.35 11.00 -0.48
C ILE A 149 -2.34 10.52 -1.54
N LYS A 150 -1.17 10.17 -1.07
CA LYS A 150 -0.08 9.86 -1.98
C LYS A 150 0.65 8.66 -1.51
N LEU A 151 1.07 7.83 -2.47
CA LEU A 151 1.89 6.63 -2.21
C LEU A 151 3.35 6.94 -2.09
N ALA A 152 3.98 6.53 -1.03
CA ALA A 152 5.45 6.72 -0.75
C ALA A 152 6.12 5.41 -0.95
N ASP A 153 7.32 5.41 -1.51
CA ASP A 153 8.21 4.19 -1.66
C ASP A 153 7.97 3.32 -2.88
N PHE A 154 7.20 3.67 -3.91
CA PHE A 154 7.09 2.86 -5.12
C PHE A 154 8.47 2.59 -5.65
N GLY A 155 8.69 1.38 -6.12
CA GLY A 155 9.85 1.09 -6.85
C GLY A 155 11.05 0.79 -6.02
N LEU A 156 11.01 1.01 -4.73
CA LEU A 156 12.19 0.78 -3.87
C LEU A 156 12.44 -0.68 -3.60
N ALA A 157 11.39 -1.47 -3.51
CA ALA A 157 11.62 -2.89 -3.24
C ALA A 157 12.35 -3.56 -4.39
N ARG A 158 11.99 -3.34 -5.63
CA ARG A 158 12.68 -3.91 -6.79
C ARG A 158 14.09 -3.34 -6.85
N ALA A 159 14.24 -2.01 -6.78
CA ALA A 159 15.58 -1.41 -6.93
C ALA A 159 16.52 -1.85 -5.86
N PHE A 160 16.06 -2.03 -4.63
CA PHE A 160 16.92 -2.56 -3.57
C PHE A 160 17.03 -4.04 -3.41
N GLY A 161 16.14 -4.85 -3.99
CA GLY A 161 16.10 -6.28 -3.65
C GLY A 161 15.66 -6.55 -2.23
N VAL A 172 8.55 -6.30 11.14
CA VAL A 172 8.05 -5.96 9.78
C VAL A 172 6.63 -6.52 9.50
N THR A 173 5.72 -5.65 9.08
CA THR A 173 4.32 -6.02 8.90
C THR A 173 4.02 -6.92 7.66
N LEU A 174 3.34 -8.02 7.94
CA LEU A 174 2.97 -9.00 6.88
C LEU A 174 1.56 -8.76 6.54
N TRP A 175 0.86 -7.85 7.20
CA TRP A 175 -0.54 -7.82 7.21
C TRP A 175 -1.18 -7.59 5.85
N TYR A 176 -0.38 -6.94 4.98
CA TYR A 176 -0.86 -6.50 3.66
C TYR A 176 -0.28 -7.35 2.57
N ARG A 177 0.47 -8.39 2.90
CA ARG A 177 1.10 -9.21 1.85
C ARG A 177 0.15 -10.13 1.08
N ALA A 178 0.27 -10.13 -0.25
CA ALA A 178 -0.58 -11.01 -1.07
C ALA A 178 -0.25 -12.49 -0.87
N PRO A 179 -1.22 -13.35 -1.09
CA PRO A 179 -1.01 -14.80 -0.82
C PRO A 179 0.02 -15.38 -1.79
N GLU A 180 0.17 -14.92 -3.00
CA GLU A 180 1.20 -15.50 -3.89
C GLU A 180 2.59 -15.19 -3.28
N ILE A 181 2.81 -14.10 -2.62
CA ILE A 181 4.10 -13.81 -1.97
C ILE A 181 4.30 -14.78 -0.84
N LEU A 182 3.30 -14.94 0.02
CA LEU A 182 3.39 -15.84 1.15
C LEU A 182 3.61 -17.27 0.71
N LEU A 183 3.07 -17.68 -0.44
CA LEU A 183 3.22 -19.07 -0.97
C LEU A 183 4.54 -19.22 -1.76
N GLY A 184 5.38 -18.20 -1.75
CA GLY A 184 6.76 -18.34 -2.28
C GLY A 184 6.90 -18.15 -3.73
N CYS A 185 5.97 -17.53 -4.45
CA CYS A 185 6.21 -17.19 -5.85
CA CYS A 185 6.17 -17.17 -5.85
C CYS A 185 7.32 -16.19 -5.95
N LYS A 186 8.18 -16.40 -6.92
CA LYS A 186 9.34 -15.59 -7.14
C LYS A 186 9.10 -14.40 -8.07
N TYR A 187 8.06 -14.48 -8.86
CA TYR A 187 7.76 -13.46 -9.82
C TYR A 187 6.59 -12.59 -9.26
N TYR A 188 6.83 -11.30 -9.10
CA TYR A 188 5.81 -10.44 -8.51
C TYR A 188 5.06 -9.68 -9.58
N SER A 189 3.74 -9.58 -9.45
CA SER A 189 3.03 -8.84 -10.49
C SER A 189 2.37 -7.62 -9.76
N THR A 190 1.76 -6.84 -10.63
CA THR A 190 1.07 -5.68 -10.14
C THR A 190 -0.09 -6.10 -9.24
N ALA A 191 -0.63 -7.29 -9.33
CA ALA A 191 -1.69 -7.74 -8.49
C ALA A 191 -1.31 -7.68 -7.03
N VAL A 192 -0.04 -7.75 -6.63
CA VAL A 192 0.25 -7.71 -5.25
C VAL A 192 -0.15 -6.39 -4.59
N ASP A 193 -0.10 -5.31 -5.40
CA ASP A 193 -0.42 -3.98 -4.88
C ASP A 193 -1.91 -3.80 -4.71
N ILE A 194 -2.67 -4.43 -5.62
CA ILE A 194 -4.13 -4.43 -5.48
C ILE A 194 -4.63 -5.15 -4.25
N TRP A 195 -3.99 -6.30 -3.97
CA TRP A 195 -4.29 -7.02 -2.74
C TRP A 195 -4.06 -6.11 -1.51
N SER A 196 -2.84 -5.54 -1.47
CA SER A 196 -2.54 -4.71 -0.30
C SER A 196 -3.56 -3.58 -0.11
N LEU A 197 -3.87 -2.94 -1.23
CA LEU A 197 -4.84 -1.81 -1.16
C LEU A 197 -6.19 -2.31 -0.76
N GLY A 198 -6.59 -3.51 -1.19
CA GLY A 198 -7.84 -4.05 -0.70
C GLY A 198 -7.86 -4.22 0.82
N CYS A 199 -6.76 -4.75 1.35
CA CYS A 199 -6.62 -4.89 2.81
C CYS A 199 -6.77 -3.55 3.52
N ILE A 200 -6.16 -2.52 2.92
CA ILE A 200 -6.21 -1.14 3.48
C ILE A 200 -7.59 -0.61 3.47
N PHE A 201 -8.27 -0.79 2.34
CA PHE A 201 -9.70 -0.40 2.17
C PHE A 201 -10.54 -0.97 3.26
N ALA A 202 -10.41 -2.29 3.45
CA ALA A 202 -11.18 -2.99 4.53
C ALA A 202 -10.89 -2.39 5.89
N GLU A 203 -9.64 -2.08 6.16
CA GLU A 203 -9.23 -1.51 7.44
C GLU A 203 -9.78 -0.11 7.64
N MET A 204 -9.83 0.71 6.60
CA MET A 204 -10.46 2.02 6.72
C MET A 204 -11.93 1.86 7.10
N VAL A 205 -12.62 0.90 6.55
CA VAL A 205 -14.04 0.71 6.77
C VAL A 205 -14.25 0.13 8.17
N THR A 206 -13.58 -0.90 8.59
CA THR A 206 -13.93 -1.55 9.88
C THR A 206 -13.22 -1.00 11.02
N ARG A 207 -12.10 -0.33 10.77
CA ARG A 207 -11.29 0.23 11.84
C ARG A 207 -10.26 -0.75 12.45
N ARG A 208 -10.24 -2.00 11.97
CA ARG A 208 -9.33 -2.97 12.46
C ARG A 208 -8.65 -3.61 11.21
N ALA A 209 -7.41 -4.03 11.38
CA ALA A 209 -6.72 -4.70 10.26
C ALA A 209 -7.48 -5.95 9.87
N LEU A 210 -7.53 -6.23 8.58
CA LEU A 210 -8.26 -7.33 8.07
C LEU A 210 -7.54 -8.68 8.40
N PHE A 211 -6.27 -8.76 8.17
CA PHE A 211 -5.47 -10.02 8.36
C PHE A 211 -4.19 -9.69 9.10
N PRO A 212 -4.33 -9.54 10.50
CA PRO A 212 -3.22 -9.11 11.31
C PRO A 212 -2.34 -10.29 11.77
N GLY A 213 -1.68 -10.87 10.80
CA GLY A 213 -0.85 -12.07 11.12
C GLY A 213 0.31 -11.74 11.99
N ASP A 214 0.69 -12.72 12.80
CA ASP A 214 1.88 -12.59 13.68
C ASP A 214 3.11 -13.31 13.16
N SER A 215 2.95 -14.06 12.09
CA SER A 215 4.02 -14.86 11.50
C SER A 215 3.58 -15.11 10.03
N GLU A 216 4.46 -15.67 9.21
CA GLU A 216 4.10 -15.88 7.83
C GLU A 216 2.97 -16.89 7.75
N ILE A 217 2.99 -17.96 8.52
CA ILE A 217 1.97 -18.96 8.44
C ILE A 217 0.68 -18.44 9.05
N ASP A 218 0.75 -17.70 10.13
CA ASP A 218 -0.47 -17.12 10.72
C ASP A 218 -1.10 -16.12 9.73
N GLN A 219 -0.27 -15.38 9.02
CA GLN A 219 -0.80 -14.48 7.96
C GLN A 219 -1.56 -15.25 6.93
N LEU A 220 -0.91 -16.31 6.40
CA LEU A 220 -1.56 -17.16 5.40
C LEU A 220 -2.82 -17.79 5.87
N PHE A 221 -2.80 -18.37 7.13
CA PHE A 221 -3.98 -19.02 7.62
C PHE A 221 -5.10 -18.00 8.01
N ARG A 222 -4.75 -16.79 8.44
CA ARG A 222 -5.84 -15.79 8.60
C ARG A 222 -6.52 -15.50 7.29
N ILE A 223 -5.77 -15.42 6.20
CA ILE A 223 -6.36 -15.22 4.90
C ILE A 223 -7.28 -16.39 4.63
N PHE A 224 -6.72 -17.59 4.80
CA PHE A 224 -7.45 -18.83 4.54
C PHE A 224 -8.75 -18.98 5.32
N ARG A 225 -8.71 -18.60 6.60
CA ARG A 225 -9.88 -18.71 7.46
C ARG A 225 -11.03 -17.80 7.02
N THR A 226 -10.67 -16.68 6.40
CA THR A 226 -11.69 -15.69 5.92
C THR A 226 -12.14 -16.01 4.51
N LEU A 227 -11.22 -16.19 3.56
CA LEU A 227 -11.49 -16.26 2.17
C LEU A 227 -11.67 -17.75 1.64
N GLY A 228 -11.41 -18.66 2.58
CA GLY A 228 -11.40 -20.11 2.32
C GLY A 228 -10.01 -20.52 1.88
N THR A 229 -9.63 -21.77 2.12
CA THR A 229 -8.34 -22.29 1.70
C THR A 229 -8.43 -22.36 0.21
N PRO A 230 -7.52 -21.82 -0.62
CA PRO A 230 -7.57 -21.85 -2.05
C PRO A 230 -7.37 -23.26 -2.54
N ASP A 231 -7.92 -23.48 -3.70
CA ASP A 231 -7.81 -24.76 -4.41
C ASP A 231 -7.63 -24.49 -5.86
N GLU A 232 -7.48 -25.58 -6.60
CA GLU A 232 -7.28 -25.52 -8.03
C GLU A 232 -8.46 -24.87 -8.77
N VAL A 233 -9.66 -25.01 -8.23
CA VAL A 233 -10.86 -24.42 -8.90
C VAL A 233 -10.74 -22.88 -8.90
N VAL A 234 -10.47 -22.27 -7.74
CA VAL A 234 -10.42 -20.84 -7.68
C VAL A 234 -9.07 -20.25 -7.95
N TRP A 235 -8.01 -21.08 -7.90
CA TRP A 235 -6.63 -20.60 -8.16
C TRP A 235 -5.85 -21.69 -8.87
N PRO A 236 -5.98 -21.77 -10.19
CA PRO A 236 -5.23 -22.82 -10.91
C PRO A 236 -3.77 -22.60 -10.71
N GLY A 237 -3.09 -23.74 -10.43
CA GLY A 237 -1.65 -23.73 -10.14
C GLY A 237 -1.31 -23.53 -8.65
N VAL A 238 -2.27 -23.18 -7.78
CA VAL A 238 -1.92 -22.92 -6.38
C VAL A 238 -1.19 -24.06 -5.71
N THR A 239 -1.63 -25.31 -6.00
CA THR A 239 -1.07 -26.49 -5.27
C THR A 239 0.33 -26.79 -5.76
N SER A 240 0.82 -26.10 -6.78
CA SER A 240 2.25 -26.29 -7.17
C SER A 240 3.08 -25.12 -6.77
N MET A 241 2.52 -24.25 -5.93
CA MET A 241 3.29 -23.10 -5.45
C MET A 241 4.47 -23.61 -4.62
N PRO A 242 5.57 -22.84 -4.54
CA PRO A 242 6.76 -23.37 -3.74
C PRO A 242 6.51 -23.76 -2.33
N ASP A 243 5.75 -22.98 -1.59
CA ASP A 243 5.50 -23.18 -0.23
C ASP A 243 4.15 -23.76 0.06
N TYR A 244 3.40 -24.15 -0.97
CA TYR A 244 2.16 -24.80 -0.73
C TYR A 244 2.36 -26.17 -0.07
N LYS A 245 1.54 -26.51 0.91
CA LYS A 245 1.63 -27.85 1.56
C LYS A 245 0.26 -28.46 1.49
N PRO A 246 0.19 -29.67 0.93
CA PRO A 246 -1.07 -30.41 0.79
C PRO A 246 -1.75 -30.65 2.13
N SER A 247 -1.05 -30.34 3.21
CA SER A 247 -1.58 -30.52 4.55
C SER A 247 -2.15 -29.22 5.10
N PHE A 248 -2.33 -28.24 4.23
CA PHE A 248 -2.86 -26.94 4.63
C PHE A 248 -4.33 -27.06 5.06
N PRO A 249 -4.68 -26.38 6.15
CA PRO A 249 -6.06 -26.40 6.68
C PRO A 249 -7.09 -26.09 5.60
N LYS A 250 -8.14 -26.90 5.53
CA LYS A 250 -9.19 -26.71 4.53
C LYS A 250 -10.37 -25.95 5.13
N TRP A 251 -10.28 -24.63 5.16
CA TRP A 251 -11.35 -23.77 5.70
C TRP A 251 -12.28 -23.33 4.62
N ALA A 252 -13.57 -23.23 5.02
CA ALA A 252 -14.59 -22.67 4.14
C ALA A 252 -14.50 -21.18 4.03
N ARG A 253 -14.91 -20.63 2.92
CA ARG A 253 -14.97 -19.22 2.77
C ARG A 253 -16.11 -18.55 3.54
N GLN A 254 -15.87 -17.39 4.10
CA GLN A 254 -16.92 -16.54 4.77
C GLN A 254 -17.48 -15.45 3.84
N ASP A 255 -18.63 -14.84 4.19
CA ASP A 255 -19.23 -13.83 3.37
C ASP A 255 -18.61 -12.52 3.65
N PHE A 256 -18.48 -11.71 2.60
CA PHE A 256 -17.97 -10.37 2.73
C PHE A 256 -18.80 -9.57 3.74
N SER A 257 -20.14 -9.72 3.70
CA SER A 257 -20.98 -8.98 4.66
C SER A 257 -20.64 -9.25 6.10
N LYS A 258 -19.96 -10.40 6.42
CA LYS A 258 -19.37 -10.64 7.71
C LYS A 258 -17.98 -9.99 7.91
N VAL A 259 -17.30 -9.77 6.79
CA VAL A 259 -15.90 -9.36 6.80
C VAL A 259 -15.71 -7.84 6.94
N VAL A 260 -16.49 -7.07 6.20
CA VAL A 260 -16.42 -5.62 6.23
C VAL A 260 -17.72 -4.89 6.47
N PRO A 261 -18.55 -5.41 7.42
CA PRO A 261 -19.70 -4.65 7.74
C PRO A 261 -19.46 -3.26 8.27
N PRO A 262 -20.29 -2.28 7.98
CA PRO A 262 -21.58 -2.35 7.27
C PRO A 262 -21.41 -1.83 5.80
N LEU A 263 -20.23 -2.06 5.17
CA LEU A 263 -19.98 -1.61 3.80
C LEU A 263 -21.11 -2.09 2.87
N ASP A 264 -21.52 -1.23 1.96
CA ASP A 264 -22.56 -1.52 1.01
C ASP A 264 -22.12 -2.48 -0.06
N GLU A 265 -23.07 -2.97 -0.86
CA GLU A 265 -22.80 -4.01 -1.78
C GLU A 265 -21.87 -3.57 -2.91
N ASP A 266 -21.85 -2.29 -3.29
CA ASP A 266 -20.86 -1.82 -4.26
C ASP A 266 -19.44 -1.99 -3.73
N GLY A 267 -19.28 -1.51 -2.49
CA GLY A 267 -17.96 -1.62 -1.84
C GLY A 267 -17.55 -3.06 -1.62
N ARG A 268 -18.47 -3.90 -1.23
CA ARG A 268 -18.14 -5.36 -1.00
C ARG A 268 -17.81 -6.01 -2.28
N SER A 269 -18.50 -5.68 -3.39
CA SER A 269 -18.20 -6.20 -4.74
C SER A 269 -16.80 -5.83 -5.16
N LEU A 270 -16.48 -4.55 -5.03
CA LEU A 270 -15.13 -4.11 -5.41
C LEU A 270 -14.09 -4.78 -4.53
N LEU A 271 -14.29 -4.84 -3.25
CA LEU A 271 -13.26 -5.50 -2.39
C LEU A 271 -13.09 -6.96 -2.74
N SER A 272 -14.18 -7.63 -3.05
CA SER A 272 -14.08 -9.08 -3.48
C SER A 272 -13.19 -9.19 -4.67
N GLN A 273 -13.24 -8.29 -5.62
CA GLN A 273 -12.46 -8.30 -6.81
C GLN A 273 -10.98 -8.00 -6.54
N MET A 274 -10.70 -7.17 -5.54
CA MET A 274 -9.37 -6.82 -5.14
C MET A 274 -8.68 -7.96 -4.34
N LEU A 275 -9.50 -8.83 -3.76
CA LEU A 275 -9.02 -9.97 -2.94
C LEU A 275 -9.20 -11.29 -3.58
N HIS A 276 -9.39 -11.32 -4.87
CA HIS A 276 -9.44 -12.60 -5.57
CA HIS A 276 -9.42 -12.65 -5.52
C HIS A 276 -8.07 -13.31 -5.37
N TYR A 277 -8.09 -14.62 -5.15
CA TYR A 277 -6.85 -15.32 -4.96
C TYR A 277 -5.95 -15.36 -6.18
N ASP A 278 -6.51 -15.73 -7.34
CA ASP A 278 -5.75 -15.84 -8.57
C ASP A 278 -5.25 -14.47 -9.00
N PRO A 279 -3.92 -14.26 -8.96
CA PRO A 279 -3.41 -12.92 -9.36
C PRO A 279 -3.72 -12.55 -10.79
N ASN A 280 -3.98 -13.53 -11.64
CA ASN A 280 -4.19 -13.21 -13.05
C ASN A 280 -5.48 -12.65 -13.18
N LYS A 281 -6.44 -12.99 -12.33
CA LYS A 281 -7.78 -12.48 -12.28
C LYS A 281 -8.20 -11.37 -11.29
N ARG A 282 -7.36 -11.12 -10.32
CA ARG A 282 -7.59 -9.98 -9.44
C ARG A 282 -7.74 -8.73 -10.29
N ILE A 283 -8.61 -7.86 -9.86
CA ILE A 283 -8.90 -6.67 -10.64
C ILE A 283 -7.69 -5.75 -10.77
N SER A 284 -7.50 -5.16 -11.94
CA SER A 284 -6.47 -4.15 -12.13
C SER A 284 -6.86 -2.82 -11.53
N ALA A 285 -5.86 -1.97 -11.31
CA ALA A 285 -6.19 -0.61 -10.81
C ALA A 285 -7.09 0.13 -11.81
N LYS A 286 -6.76 0.05 -13.10
CA LYS A 286 -7.60 0.71 -14.14
C LYS A 286 -8.98 0.22 -14.13
N ALA A 287 -9.22 -1.07 -14.06
CA ALA A 287 -10.53 -1.57 -14.03
C ALA A 287 -11.28 -1.23 -12.74
N ALA A 288 -10.56 -1.22 -11.61
CA ALA A 288 -11.20 -0.88 -10.35
C ALA A 288 -11.73 0.56 -10.39
N LEU A 289 -11.03 1.44 -11.06
CA LEU A 289 -11.47 2.82 -11.16
C LEU A 289 -12.85 2.97 -11.84
N ALA A 290 -13.16 2.04 -12.73
CA ALA A 290 -14.45 2.02 -13.40
C ALA A 290 -15.55 1.37 -12.61
N HIS A 291 -15.27 0.82 -11.42
CA HIS A 291 -16.30 0.06 -10.68
C HIS A 291 -17.42 1.02 -10.26
N PRO A 292 -18.66 0.51 -10.23
CA PRO A 292 -19.82 1.33 -9.84
C PRO A 292 -19.68 1.96 -8.46
N PHE A 293 -18.84 1.41 -7.57
CA PHE A 293 -18.63 2.05 -6.25
C PHE A 293 -18.16 3.49 -6.39
N PHE A 294 -17.46 3.85 -7.44
CA PHE A 294 -16.94 5.16 -7.61
C PHE A 294 -17.91 6.13 -8.35
N GLN A 295 -19.12 5.66 -8.66
CA GLN A 295 -20.02 6.60 -9.44
C GLN A 295 -20.22 7.89 -8.71
N ASP A 296 -20.27 7.89 -7.39
CA ASP A 296 -20.54 9.16 -6.66
C ASP A 296 -19.31 9.69 -5.93
N VAL A 297 -18.09 9.38 -6.41
CA VAL A 297 -16.90 9.83 -5.75
C VAL A 297 -16.80 11.36 -5.73
N THR A 298 -16.24 11.87 -4.66
CA THR A 298 -15.97 13.30 -4.46
C THR A 298 -14.63 13.41 -3.84
N LYS A 299 -14.20 14.64 -3.51
CA LYS A 299 -12.98 14.86 -2.81
C LYS A 299 -13.22 15.70 -1.53
N PRO A 300 -13.56 15.10 -0.40
CA PRO A 300 -13.80 15.81 0.83
C PRO A 300 -12.45 16.23 1.41
N VAL A 301 -12.55 17.23 2.27
CA VAL A 301 -11.44 17.60 3.16
C VAL A 301 -11.33 16.74 4.48
N PRO A 302 -10.16 16.22 4.85
CA PRO A 302 -10.01 15.54 6.13
C PRO A 302 -9.87 16.75 7.14
N HIS A 303 -10.27 16.58 8.36
CA HIS A 303 -9.85 17.58 9.33
C HIS A 303 -8.65 17.00 10.04
N LEU A 304 -7.46 17.49 9.64
CA LEU A 304 -6.23 17.14 10.16
C LEU A 304 -5.87 18.03 11.28
N ARG A 305 -5.43 17.41 12.33
CA ARG A 305 -4.92 18.08 13.49
C ARG A 305 -3.44 17.81 13.40
N LEU A 306 -2.68 18.85 13.14
CA LEU A 306 -1.23 18.73 13.00
C LEU A 306 -0.49 19.35 14.18
C4 FC8 B . 6.83 11.89 5.18
C14 FC8 B . 8.18 7.36 9.26
C5 FC8 B . 6.38 11.74 6.51
C6 FC8 B . 5.15 12.73 8.44
C11 FC8 B . 4.39 11.65 8.91
C7 FC8 B . 5.42 13.79 9.29
C8 FC8 B . 4.88 13.82 10.56
C9 FC8 B . 4.11 12.79 11.02
C10 FC8 B . 3.85 11.74 10.16
C12 FC8 B . 7.28 9.58 6.48
C13 FC8 B . 7.25 8.39 8.62
N1 FC8 B . 7.82 11.18 3.35
N2 FC8 B . 6.70 12.92 4.26
C3 FC8 B . 7.31 12.45 3.19
N3 FC8 B . 5.72 12.74 7.16
C1 FC8 B . 9.93 9.92 2.62
C2 FC8 B . 8.51 10.35 2.33
CL1 FC8 B . 2.85 10.44 10.68
N4 FC8 B . 6.60 10.58 7.15
N5 FC8 B . 7.49 8.43 7.18
C15 FC8 B . 7.95 7.30 10.78
C16 FC8 B . 6.49 7.04 11.11
C17 FC8 B . 5.56 8.04 10.42
C18 FC8 B . 5.78 8.08 8.92
N6 FC8 B . 5.32 6.80 8.29
N7 FC8 B . 7.74 9.61 5.21
C19 FC8 B . 7.46 10.81 4.60
#